data_2QS3
#
_entry.id   2QS3
#
_cell.length_a   97.766
_cell.length_b   97.702
_cell.length_c   128.604
_cell.angle_alpha   90.00
_cell.angle_beta   90.00
_cell.angle_gamma   90.00
#
_symmetry.space_group_name_H-M   'C 2 2 21'
#
loop_
_entity.id
_entity.type
_entity.pdbx_description
1 polymer 'Glutamate receptor, ionotropic kainate 1'
2 non-polymer 'CHLORIDE ION'
3 non-polymer 'PENTAETHYLENE GLYCOL'
4 non-polymer '3-({3-[(2S)-2-amino-2-carboxyethyl]-5-methyl-2,6-dioxo-3,6-dihydropyrimidin-1(2H)-yl}methyl)-5-phenylthiophene-2-carboxylic acid'
5 water water
#
_entity_poly.entity_id   1
_entity_poly.type   'polypeptide(L)'
_entity_poly.pdbx_seq_one_letter_code
;GSNRTLIVTTILEEPYVMYRKSDKPLYGNDRFEGYCLDLLKELSNILGFLYDVKLVPDGKYGAQNDKGEWNGMVKELIDH
RADLAVAPLTITYVREKVIDFSKPFMTLGISILYRKGTPIDSADDLAKQTKIEYGAVRDGSTMTFFKKSKISTYEKMWAF
MSSRQQSALVKNSDEGIQRVLTTDYALLMESTSIEYVTQRNCNLTQIGGLIDSKGYGVGTPIGSPYRDKITIAILQLQEE
GKLHMMKEKWWRGNGCPS
;
_entity_poly.pdbx_strand_id   A,B
#
# COMPACT_ATOMS: atom_id res chain seq x y z
N ARG A 4 -15.99 2.32 -7.72
CA ARG A 4 -15.07 2.11 -6.56
C ARG A 4 -15.42 3.01 -5.39
N THR A 5 -15.83 2.41 -4.28
CA THR A 5 -15.98 3.13 -3.04
C THR A 5 -14.62 3.19 -2.36
N LEU A 6 -14.11 4.41 -2.16
CA LEU A 6 -12.78 4.56 -1.58
C LEU A 6 -12.79 4.28 -0.09
N ILE A 7 -11.83 3.48 0.36
CA ILE A 7 -11.64 3.27 1.79
C ILE A 7 -10.72 4.36 2.32
N VAL A 8 -11.19 5.08 3.34
CA VAL A 8 -10.44 6.21 3.89
C VAL A 8 -9.99 5.85 5.29
N THR A 9 -8.68 5.73 5.47
CA THR A 9 -8.15 5.52 6.80
C THR A 9 -8.02 6.87 7.50
N THR A 10 -8.31 6.87 8.80
CA THR A 10 -8.17 8.08 9.60
C THR A 10 -7.97 7.69 11.06
N ILE A 11 -7.91 8.68 11.94
CA ILE A 11 -7.56 8.44 13.33
C ILE A 11 -8.37 9.39 14.22
N LEU A 12 -8.86 8.87 15.36
CA LEU A 12 -9.56 9.72 16.30
C LEU A 12 -8.60 10.78 16.83
N GLU A 13 -8.96 12.05 16.67
CA GLU A 13 -8.11 13.17 17.10
C GLU A 13 -8.92 14.46 17.07
N GLU A 14 -9.21 15.02 18.24
CA GLU A 14 -9.98 16.27 18.33
C GLU A 14 -9.17 17.46 17.78
N PRO A 15 -9.79 18.32 16.96
CA PRO A 15 -11.14 18.33 16.39
C PRO A 15 -11.24 17.74 14.99
N TYR A 16 -10.25 16.98 14.57
CA TYR A 16 -10.21 16.48 13.20
C TYR A 16 -11.19 15.34 12.95
N VAL A 17 -11.22 14.40 13.88
CA VAL A 17 -12.06 13.20 13.76
C VAL A 17 -12.54 12.82 15.14
N MET A 18 -13.85 12.83 15.30
N MET A 18 -13.85 12.78 15.29
CA MET A 18 -14.49 12.43 16.56
CA MET A 18 -14.49 12.48 16.57
C MET A 18 -15.72 11.60 16.27
C MET A 18 -15.79 11.72 16.33
N TYR A 19 -16.16 10.85 17.28
CA TYR A 19 -17.47 10.24 17.24
C TYR A 19 -18.47 11.35 17.57
N ARG A 20 -19.59 11.36 16.85
CA ARG A 20 -20.66 12.33 17.14
C ARG A 20 -21.26 12.07 18.50
N LYS A 21 -21.63 13.14 19.22
CA LYS A 21 -22.24 13.03 20.52
C LYS A 21 -23.73 12.78 20.28
N SER A 22 -24.07 11.56 19.88
CA SER A 22 -25.45 11.23 19.53
C SER A 22 -25.70 9.74 19.69
N ASP A 23 -26.89 9.39 20.15
CA ASP A 23 -27.36 8.01 20.17
C ASP A 23 -28.39 7.78 19.07
N LYS A 24 -28.51 8.74 18.15
CA LYS A 24 -29.37 8.57 16.98
C LYS A 24 -28.84 7.44 16.08
N PRO A 25 -29.70 6.86 15.22
CA PRO A 25 -29.25 5.76 14.36
C PRO A 25 -28.38 6.33 13.24
N LEU A 26 -27.09 6.41 13.52
CA LEU A 26 -26.11 6.89 12.55
C LEU A 26 -25.21 5.73 12.22
N TYR A 27 -25.00 5.48 10.93
CA TYR A 27 -24.22 4.34 10.48
C TYR A 27 -23.11 4.81 9.55
N GLY A 28 -22.09 3.97 9.39
CA GLY A 28 -21.01 4.28 8.47
C GLY A 28 -20.37 5.63 8.74
N ASN A 29 -20.19 6.42 7.69
CA ASN A 29 -19.54 7.73 7.80
C ASN A 29 -20.24 8.69 8.77
N ASP A 30 -21.54 8.49 8.96
CA ASP A 30 -22.37 9.41 9.76
C ASP A 30 -22.11 9.31 11.26
N ARG A 31 -21.36 8.29 11.65
CA ARG A 31 -20.95 8.12 13.05
C ARG A 31 -19.91 9.14 13.49
N PHE A 32 -19.29 9.81 12.52
CA PHE A 32 -18.15 10.70 12.78
C PHE A 32 -18.43 12.15 12.42
N GLU A 33 -17.67 13.05 13.04
CA GLU A 33 -17.70 14.47 12.72
C GLU A 33 -16.30 15.03 12.91
N GLY A 34 -16.07 16.24 12.41
CA GLY A 34 -14.79 16.90 12.61
C GLY A 34 -14.25 17.53 11.34
N TYR A 35 -13.18 18.31 11.50
CA TYR A 35 -12.57 19.01 10.39
C TYR A 35 -12.32 18.05 9.21
N CYS A 36 -11.73 16.89 9.50
CA CYS A 36 -11.37 15.97 8.43
C CYS A 36 -12.59 15.33 7.77
N LEU A 37 -13.67 15.18 8.53
CA LEU A 37 -14.90 14.66 7.93
C LEU A 37 -15.54 15.69 6.99
N ASP A 38 -15.50 16.96 7.38
CA ASP A 38 -15.97 18.04 6.53
C ASP A 38 -15.11 18.16 5.27
N LEU A 39 -13.80 18.05 5.45
CA LEU A 39 -12.87 18.08 4.30
C LEU A 39 -13.19 16.95 3.33
N LEU A 40 -13.33 15.75 3.87
CA LEU A 40 -13.61 14.56 3.07
C LEU A 40 -14.93 14.70 2.32
N LYS A 41 -15.95 15.24 2.97
CA LYS A 41 -17.21 15.51 2.28
C LYS A 41 -17.04 16.45 1.09
N GLU A 42 -16.28 17.54 1.27
CA GLU A 42 -16.02 18.48 0.19
C GLU A 42 -15.22 17.84 -0.94
N LEU A 43 -14.22 17.02 -0.56
CA LEU A 43 -13.41 16.34 -1.55
C LEU A 43 -14.27 15.39 -2.38
N SER A 44 -15.16 14.65 -1.70
N SER A 44 -15.16 14.65 -1.70
CA SER A 44 -16.06 13.69 -2.34
CA SER A 44 -16.04 13.70 -2.36
C SER A 44 -17.01 14.37 -3.32
C SER A 44 -16.93 14.41 -3.37
N ASN A 45 -17.43 15.58 -2.99
CA ASN A 45 -18.32 16.34 -3.88
C ASN A 45 -17.63 17.02 -5.06
N ILE A 46 -16.35 17.40 -4.90
CA ILE A 46 -15.61 17.96 -6.01
C ILE A 46 -15.15 16.88 -6.99
N LEU A 47 -14.63 15.78 -6.46
CA LEU A 47 -14.09 14.69 -7.27
C LEU A 47 -15.16 13.72 -7.75
N GLY A 48 -16.22 13.57 -6.96
CA GLY A 48 -17.30 12.64 -7.29
C GLY A 48 -16.95 11.21 -6.95
N PHE A 49 -16.56 10.97 -5.69
CA PHE A 49 -16.32 9.61 -5.22
C PHE A 49 -17.17 9.24 -4.02
N LEU A 50 -17.46 7.94 -3.92
CA LEU A 50 -18.08 7.38 -2.74
C LEU A 50 -16.94 6.97 -1.81
N TYR A 51 -17.22 6.96 -0.51
CA TYR A 51 -16.18 6.60 0.43
C TYR A 51 -16.70 5.95 1.70
N ASP A 52 -15.79 5.25 2.39
N ASP A 52 -15.85 5.13 2.32
CA ASP A 52 -16.09 4.48 3.58
CA ASP A 52 -16.12 4.53 3.61
C ASP A 52 -14.96 4.74 4.59
C ASP A 52 -14.96 4.87 4.52
N VAL A 53 -15.28 5.49 5.65
CA VAL A 53 -14.28 5.84 6.66
C VAL A 53 -14.03 4.67 7.61
N LYS A 54 -12.75 4.30 7.74
N LYS A 54 -12.76 4.30 7.76
CA LYS A 54 -12.33 3.25 8.65
CA LYS A 54 -12.34 3.21 8.64
C LYS A 54 -11.23 3.79 9.56
C LYS A 54 -11.19 3.64 9.56
N LEU A 55 -11.45 3.69 10.88
CA LEU A 55 -10.41 4.07 11.84
C LEU A 55 -9.24 3.10 11.76
N VAL A 56 -8.02 3.63 11.73
CA VAL A 56 -6.82 2.79 11.62
C VAL A 56 -6.79 1.82 12.81
N PRO A 57 -6.74 0.50 12.52
CA PRO A 57 -6.88 -0.52 13.57
C PRO A 57 -5.90 -0.39 14.74
N ASP A 58 -4.65 -0.01 14.46
CA ASP A 58 -3.65 0.10 15.53
C ASP A 58 -3.57 1.47 16.19
N GLY A 59 -4.41 2.40 15.74
CA GLY A 59 -4.50 3.75 16.29
C GLY A 59 -3.22 4.59 16.17
N LYS A 60 -2.43 4.32 15.14
CA LYS A 60 -1.14 5.00 14.95
C LYS A 60 -1.13 5.81 13.67
N TYR A 61 -0.32 6.87 13.65
CA TYR A 61 -0.15 7.68 12.44
C TYR A 61 0.64 6.96 11.37
N GLY A 62 1.82 6.47 11.75
CA GLY A 62 2.67 5.77 10.80
C GLY A 62 4.14 6.03 10.99
N ALA A 63 4.84 5.01 11.47
CA ALA A 63 6.28 5.01 11.64
C ALA A 63 6.87 3.66 11.21
N GLN A 64 8.18 3.65 11.01
N GLN A 64 8.16 3.63 10.93
CA GLN A 64 8.95 2.52 10.52
CA GLN A 64 8.80 2.38 10.49
C GLN A 64 9.74 1.84 11.65
C GLN A 64 9.85 1.86 11.46
N ASN A 65 9.93 0.53 11.54
CA ASN A 65 10.90 -0.18 12.39
C ASN A 65 12.19 -0.46 11.59
N ASP A 66 13.13 -1.16 12.19
CA ASP A 66 14.44 -1.37 11.56
C ASP A 66 14.41 -2.37 10.39
N LYS A 67 13.36 -3.18 10.33
CA LYS A 67 13.14 -4.07 9.19
C LYS A 67 12.52 -3.31 8.01
N GLY A 68 12.20 -2.04 8.23
CA GLY A 68 11.54 -1.23 7.22
C GLY A 68 10.06 -1.49 7.14
N GLU A 69 9.51 -2.08 8.21
CA GLU A 69 8.08 -2.36 8.30
C GLU A 69 7.36 -1.17 8.92
N TRP A 70 6.27 -0.77 8.27
CA TRP A 70 5.51 0.39 8.73
C TRP A 70 4.30 -0.01 9.56
N ASN A 71 3.77 0.96 10.32
CA ASN A 71 2.50 0.79 11.04
C ASN A 71 1.53 1.92 10.69
N GLY A 72 0.40 1.95 11.39
CA GLY A 72 -0.54 3.07 11.31
C GLY A 72 -1.19 3.28 9.96
N MET A 73 -1.66 4.50 9.72
CA MET A 73 -2.33 4.83 8.46
C MET A 73 -1.41 4.64 7.27
N VAL A 74 -0.13 4.96 7.44
CA VAL A 74 0.87 4.74 6.39
C VAL A 74 0.87 3.27 5.93
N LYS A 75 0.90 2.33 6.88
N LYS A 75 0.92 2.33 6.89
CA LYS A 75 0.86 0.91 6.56
CA LYS A 75 0.85 0.90 6.57
C LYS A 75 -0.43 0.51 5.84
C LYS A 75 -0.41 0.56 5.78
N GLU A 76 -1.55 1.12 6.21
CA GLU A 76 -2.82 0.85 5.52
C GLU A 76 -2.73 1.21 4.05
N LEU A 77 -2.11 2.35 3.76
CA LEU A 77 -1.91 2.78 2.37
C LEU A 77 -0.95 1.86 1.61
N ILE A 78 0.17 1.54 2.24
CA ILE A 78 1.20 0.66 1.64
C ILE A 78 0.59 -0.68 1.24
N ASP A 79 -0.28 -1.21 2.10
CA ASP A 79 -0.91 -2.52 1.91
C ASP A 79 -2.14 -2.48 1.00
N HIS A 80 -2.48 -1.29 0.52
CA HIS A 80 -3.64 -1.09 -0.36
C HIS A 80 -4.94 -1.47 0.39
N ARG A 81 -4.94 -1.31 1.71
CA ARG A 81 -6.14 -1.50 2.53
C ARG A 81 -6.91 -0.21 2.74
N ALA A 82 -6.33 0.89 2.28
CA ALA A 82 -7.01 2.19 2.25
C ALA A 82 -6.59 2.87 0.97
N ASP A 83 -7.50 3.63 0.38
CA ASP A 83 -7.21 4.43 -0.81
C ASP A 83 -6.68 5.82 -0.46
N LEU A 84 -7.20 6.38 0.63
CA LEU A 84 -6.78 7.70 1.12
C LEU A 84 -6.58 7.67 2.62
N ALA A 85 -5.66 8.49 3.11
CA ALA A 85 -5.59 8.82 4.54
C ALA A 85 -5.92 10.30 4.68
N VAL A 86 -7.00 10.58 5.40
CA VAL A 86 -7.42 11.96 5.62
C VAL A 86 -7.42 12.18 7.11
N ALA A 87 -6.38 12.88 7.57
CA ALA A 87 -6.06 12.98 8.98
C ALA A 87 -5.04 14.10 9.15
N PRO A 88 -4.77 14.52 10.40
CA PRO A 88 -3.64 15.42 10.67
C PRO A 88 -2.33 14.65 10.53
N LEU A 89 -2.00 14.34 9.27
CA LEU A 89 -0.87 13.49 8.91
C LEU A 89 0.18 14.32 8.20
N THR A 90 1.37 14.40 8.81
CA THR A 90 2.40 15.32 8.33
C THR A 90 3.08 14.76 7.07
N ILE A 91 3.21 15.62 6.07
CA ILE A 91 3.99 15.32 4.88
C ILE A 91 5.48 15.36 5.26
N THR A 92 6.14 14.21 5.18
CA THR A 92 7.55 14.12 5.56
C THR A 92 8.37 13.38 4.51
N TYR A 93 9.66 13.69 4.47
CA TYR A 93 10.62 13.02 3.59
C TYR A 93 10.52 11.50 3.66
N VAL A 94 10.58 10.94 4.86
CA VAL A 94 10.56 9.48 5.00
C VAL A 94 9.26 8.85 4.49
N ARG A 95 8.12 9.49 4.78
CA ARG A 95 6.84 8.97 4.33
C ARG A 95 6.67 9.06 2.80
N GLU A 96 7.21 10.11 2.19
CA GLU A 96 7.15 10.26 0.73
C GLU A 96 7.92 9.18 -0.04
N LYS A 97 8.78 8.44 0.66
CA LYS A 97 9.47 7.29 0.09
C LYS A 97 8.53 6.10 -0.16
N VAL A 98 7.43 6.06 0.60
CA VAL A 98 6.57 4.87 0.61
C VAL A 98 5.10 5.14 0.26
N ILE A 99 4.67 6.40 0.39
CA ILE A 99 3.32 6.83 -0.02
C ILE A 99 3.41 8.17 -0.75
N ASP A 100 2.34 8.56 -1.43
CA ASP A 100 2.26 9.91 -2.01
C ASP A 100 1.35 10.78 -1.12
N PHE A 101 1.43 12.09 -1.31
CA PHE A 101 0.61 13.02 -0.54
C PHE A 101 0.08 14.09 -1.48
N SER A 102 -1.15 14.52 -1.24
CA SER A 102 -1.62 15.78 -1.82
C SER A 102 -0.80 16.94 -1.27
N LYS A 103 -0.88 18.08 -1.94
CA LYS A 103 -0.36 19.31 -1.34
C LYS A 103 -1.14 19.61 -0.06
N PRO A 104 -0.55 20.40 0.85
CA PRO A 104 -1.16 20.51 2.18
C PRO A 104 -2.51 21.23 2.26
N PHE A 105 -3.41 20.72 3.09
CA PHE A 105 -4.67 21.43 3.36
C PHE A 105 -4.53 22.29 4.61
N MET A 106 -3.43 22.11 5.35
N MET A 106 -3.43 22.08 5.35
CA MET A 106 -3.16 22.90 6.54
CA MET A 106 -3.12 22.81 6.57
C MET A 106 -1.65 22.96 6.77
C MET A 106 -1.60 22.98 6.62
N THR A 107 -1.15 24.17 7.01
CA THR A 107 0.29 24.38 7.25
C THR A 107 0.47 24.85 8.69
N LEU A 108 1.49 24.31 9.36
CA LEU A 108 1.67 24.52 10.80
C LEU A 108 3.14 24.52 11.17
N GLY A 109 3.44 25.02 12.37
CA GLY A 109 4.81 25.04 12.84
C GLY A 109 4.82 25.06 14.35
N ILE A 110 5.89 24.55 14.93
CA ILE A 110 6.10 24.61 16.39
C ILE A 110 5.99 26.07 16.82
N SER A 111 5.30 26.30 17.93
CA SER A 111 5.26 27.63 18.54
C SER A 111 5.20 27.52 20.06
N ILE A 112 4.94 28.65 20.73
CA ILE A 112 5.00 28.72 22.20
C ILE A 112 3.63 29.04 22.80
N LEU A 113 3.21 28.21 23.75
CA LEU A 113 2.01 28.45 24.54
C LEU A 113 2.38 28.99 25.92
N TYR A 114 1.86 30.18 26.26
CA TYR A 114 2.20 30.87 27.51
C TYR A 114 1.06 31.80 27.96
N ARG A 115 1.21 32.42 29.12
CA ARG A 115 0.23 33.35 29.66
C ARG A 115 0.26 34.72 28.97
N LYS A 116 -0.88 35.41 28.99
CA LYS A 116 -0.99 36.77 28.48
C LYS A 116 -0.33 37.77 29.42
N GLY A 117 0.07 38.92 28.86
CA GLY A 117 0.56 40.05 29.66
C GLY A 117 1.97 39.93 30.21
N THR A 118 2.84 39.26 29.45
CA THR A 118 4.24 39.09 29.84
C THR A 118 5.17 39.62 28.75
N PRO A 119 6.33 40.19 29.13
CA PRO A 119 7.32 40.71 28.18
C PRO A 119 7.88 39.66 27.22
N ILE A 120 7.64 38.39 27.50
CA ILE A 120 8.09 37.27 26.65
C ILE A 120 7.39 37.32 25.29
N ASP A 121 8.19 37.36 24.22
CA ASP A 121 7.68 37.60 22.88
C ASP A 121 8.22 36.64 21.81
N SER A 122 9.28 35.90 22.15
CA SER A 122 9.89 34.94 21.22
C SER A 122 10.58 33.77 21.92
N ALA A 123 11.04 32.80 21.12
CA ALA A 123 11.83 31.68 21.62
C ALA A 123 13.19 32.14 22.14
N ASP A 124 13.71 33.21 21.53
CA ASP A 124 14.98 33.81 21.95
C ASP A 124 14.88 34.45 23.33
N ASP A 125 13.68 34.92 23.68
CA ASP A 125 13.41 35.46 25.02
C ASP A 125 13.42 34.37 26.09
N LEU A 126 12.98 33.16 25.72
CA LEU A 126 12.98 32.02 26.62
C LEU A 126 14.39 31.41 26.79
N ALA A 127 15.09 31.23 25.68
CA ALA A 127 16.38 30.55 25.63
C ALA A 127 17.43 31.11 26.60
N LYS A 128 17.54 32.44 26.65
CA LYS A 128 18.58 33.11 27.42
C LYS A 128 18.34 33.19 28.93
N GLN A 129 17.14 32.80 29.36
CA GLN A 129 16.79 32.82 30.79
C GLN A 129 16.42 31.44 31.34
N THR A 130 16.34 31.34 32.66
CA THR A 130 16.12 30.07 33.35
C THR A 130 14.96 30.16 34.36
N LYS A 131 14.56 31.39 34.70
CA LYS A 131 13.46 31.65 35.63
C LYS A 131 12.15 31.00 35.16
N ILE A 132 11.83 31.19 33.89
CA ILE A 132 10.66 30.57 33.27
C ILE A 132 11.08 29.27 32.60
N GLU A 133 10.55 28.16 33.09
CA GLU A 133 10.85 26.85 32.51
C GLU A 133 10.08 26.66 31.22
N TYR A 134 10.69 25.90 30.30
CA TYR A 134 10.05 25.59 29.03
C TYR A 134 10.43 24.18 28.57
N GLY A 135 9.54 23.55 27.81
CA GLY A 135 9.76 22.19 27.34
C GLY A 135 8.78 21.74 26.28
N ALA A 136 8.68 20.43 26.12
CA ALA A 136 7.86 19.81 25.08
C ALA A 136 7.37 18.46 25.57
N VAL A 137 6.44 17.86 24.84
CA VAL A 137 5.99 16.49 25.14
C VAL A 137 7.14 15.53 24.85
N ARG A 138 7.44 14.68 25.83
CA ARG A 138 8.53 13.71 25.72
C ARG A 138 8.36 12.82 24.48
N ASP A 139 9.42 12.74 23.68
CA ASP A 139 9.50 11.85 22.51
C ASP A 139 8.52 12.17 21.38
N GLY A 140 8.00 13.40 21.39
CA GLY A 140 7.10 13.88 20.34
C GLY A 140 7.88 14.54 19.22
N SER A 141 7.17 14.93 18.17
CA SER A 141 7.78 15.58 17.01
C SER A 141 8.49 16.88 17.38
N THR A 142 7.90 17.64 18.31
CA THR A 142 8.46 18.91 18.77
C THR A 142 9.76 18.71 19.56
N MET A 143 9.78 17.72 20.45
CA MET A 143 11.01 17.39 21.20
C MET A 143 12.11 16.96 20.24
N THR A 144 11.75 16.13 19.27
CA THR A 144 12.69 15.61 18.27
C THR A 144 13.31 16.72 17.42
N PHE A 145 12.49 17.68 17.02
CA PHE A 145 12.99 18.86 16.31
C PHE A 145 14.14 19.52 17.08
N PHE A 146 13.91 19.79 18.36
CA PHE A 146 14.92 20.42 19.20
C PHE A 146 16.16 19.54 19.40
N LYS A 147 15.95 18.23 19.44
CA LYS A 147 17.06 17.28 19.58
C LYS A 147 17.93 17.23 18.33
N LYS A 148 17.30 17.33 17.17
CA LYS A 148 17.99 17.24 15.88
C LYS A 148 18.53 18.59 15.38
N SER A 149 18.07 19.68 15.98
CA SER A 149 18.39 21.02 15.48
C SER A 149 19.86 21.39 15.60
N LYS A 150 20.36 22.05 14.55
CA LYS A 150 21.73 22.56 14.53
C LYS A 150 21.72 24.10 14.58
N ILE A 151 20.53 24.66 14.81
CA ILE A 151 20.37 26.10 15.04
C ILE A 151 20.72 26.39 16.49
N SER A 152 21.71 27.26 16.69
CA SER A 152 22.30 27.50 18.02
C SER A 152 21.29 27.86 19.11
N THR A 153 20.31 28.71 18.78
CA THR A 153 19.30 29.14 19.75
C THR A 153 18.32 28.01 20.15
N TYR A 154 18.13 27.03 19.27
CA TYR A 154 17.34 25.84 19.60
C TYR A 154 18.20 24.72 20.19
N GLU A 155 19.51 24.76 19.90
CA GLU A 155 20.48 23.87 20.53
C GLU A 155 20.59 24.18 22.01
N LYS A 156 20.57 25.47 22.34
CA LYS A 156 20.60 25.96 23.72
C LYS A 156 19.32 25.57 24.44
N MET A 157 18.19 25.70 23.75
CA MET A 157 16.89 25.33 24.31
C MET A 157 16.80 23.83 24.59
N TRP A 158 17.33 23.01 23.68
CA TRP A 158 17.36 21.56 23.87
C TRP A 158 18.25 21.16 25.05
N ALA A 159 19.39 21.83 25.18
CA ALA A 159 20.32 21.61 26.29
C ALA A 159 19.62 21.85 27.64
N PHE A 160 18.78 22.86 27.68
CA PHE A 160 17.98 23.19 28.86
C PHE A 160 16.89 22.14 29.12
N MET A 161 16.28 21.65 28.04
CA MET A 161 15.23 20.64 28.13
C MET A 161 15.77 19.26 28.51
N SER A 162 16.93 18.91 27.95
CA SER A 162 17.54 17.59 28.14
C SER A 162 18.15 17.41 29.53
N SER A 163 18.75 18.47 30.07
CA SER A 163 19.37 18.44 31.40
C SER A 163 18.30 18.45 32.49
N ARG A 164 17.21 19.18 32.24
CA ARG A 164 16.08 19.23 33.14
C ARG A 164 15.00 18.23 32.69
N GLN A 165 15.47 17.11 32.15
CA GLN A 165 14.64 16.09 31.49
C GLN A 165 13.39 15.67 32.28
N GLN A 166 13.58 15.43 33.58
CA GLN A 166 12.50 14.94 34.44
C GLN A 166 11.31 15.90 34.52
N SER A 167 11.59 17.20 34.62
CA SER A 167 10.54 18.20 34.82
C SER A 167 10.15 18.97 33.56
N ALA A 168 11.11 19.26 32.69
CA ALA A 168 10.86 20.04 31.48
C ALA A 168 10.05 19.29 30.43
N LEU A 169 10.29 17.98 30.30
CA LEU A 169 9.58 17.16 29.34
C LEU A 169 8.37 16.46 29.97
N VAL A 170 7.21 16.63 29.35
CA VAL A 170 5.94 16.11 29.89
C VAL A 170 5.45 14.86 29.16
N LYS A 171 4.53 14.13 29.78
CA LYS A 171 4.01 12.87 29.25
C LYS A 171 3.18 13.05 27.97
N ASN A 172 2.28 14.03 27.99
CA ASN A 172 1.39 14.29 26.86
C ASN A 172 0.95 15.75 26.79
N SER A 173 0.23 16.10 25.73
CA SER A 173 -0.26 17.46 25.50
C SER A 173 -1.11 17.99 26.66
N ASP A 174 -2.00 17.15 27.18
CA ASP A 174 -2.88 17.52 28.30
C ASP A 174 -2.10 17.90 29.56
N GLU A 175 -1.04 17.15 29.86
CA GLU A 175 -0.18 17.44 31.00
C GLU A 175 0.61 18.74 30.82
N GLY A 176 1.06 18.99 29.59
CA GLY A 176 1.79 20.20 29.25
C GLY A 176 0.97 21.47 29.45
N ILE A 177 -0.26 21.45 28.95
CA ILE A 177 -1.21 22.56 29.10
C ILE A 177 -1.52 22.83 30.59
N GLN A 178 -1.68 21.75 31.36
CA GLN A 178 -1.91 21.84 32.80
C GLN A 178 -0.71 22.48 33.52
N ARG A 179 0.49 22.17 33.05
CA ARG A 179 1.73 22.74 33.60
C ARG A 179 1.88 24.23 33.27
N VAL A 180 1.34 24.63 32.13
CA VAL A 180 1.31 26.03 31.72
C VAL A 180 0.38 26.84 32.63
N LEU A 181 -0.80 26.29 32.90
CA LEU A 181 -1.83 26.98 33.69
C LEU A 181 -1.54 27.05 35.19
N THR A 182 -0.61 26.23 35.67
CA THR A 182 -0.36 26.12 37.11
C THR A 182 1.00 26.68 37.56
N THR A 183 2.02 26.49 36.74
CA THR A 183 3.38 26.93 37.06
C THR A 183 3.87 27.99 36.06
N ASP A 184 5.03 28.59 36.35
CA ASP A 184 5.69 29.52 35.44
C ASP A 184 6.41 28.74 34.34
N TYR A 185 5.63 28.32 33.34
CA TYR A 185 6.08 27.35 32.33
C TYR A 185 5.52 27.68 30.95
N ALA A 186 6.32 27.39 29.92
CA ALA A 186 5.89 27.53 28.53
C ALA A 186 6.03 26.20 27.81
N LEU A 187 4.99 25.85 27.04
CA LEU A 187 4.98 24.61 26.30
C LEU A 187 5.24 24.87 24.81
N LEU A 188 6.29 24.25 24.28
CA LEU A 188 6.56 24.25 22.86
C LEU A 188 5.66 23.21 22.22
N MET A 189 4.79 23.66 21.32
CA MET A 189 3.80 22.79 20.69
C MET A 189 3.41 23.33 19.32
N GLU A 190 2.74 22.49 18.54
N GLU A 190 2.74 22.49 18.53
CA GLU A 190 2.27 22.86 17.20
CA GLU A 190 2.33 22.90 17.20
C GLU A 190 1.27 24.01 17.23
C GLU A 190 1.28 24.01 17.22
N SER A 191 1.42 24.94 16.28
CA SER A 191 0.55 26.12 16.19
C SER A 191 -0.94 25.79 16.11
N THR A 192 -1.28 24.71 15.40
CA THR A 192 -2.67 24.25 15.30
C THR A 192 -3.26 23.98 16.68
N SER A 193 -2.52 23.24 17.51
CA SER A 193 -2.97 22.92 18.87
C SER A 193 -3.00 24.13 19.80
N ILE A 194 -2.06 25.05 19.61
CA ILE A 194 -2.05 26.30 20.37
C ILE A 194 -3.28 27.14 20.05
N GLU A 195 -3.61 27.26 18.76
CA GLU A 195 -4.80 27.98 18.34
C GLU A 195 -6.04 27.38 18.98
N TYR A 196 -6.10 26.05 19.02
CA TYR A 196 -7.22 25.32 19.60
C TYR A 196 -7.37 25.57 21.10
N VAL A 197 -6.24 25.58 21.81
CA VAL A 197 -6.23 25.78 23.26
C VAL A 197 -6.51 27.24 23.64
N THR A 198 -5.88 28.18 22.94
CA THR A 198 -6.05 29.61 23.24
C THR A 198 -7.46 30.12 22.96
N GLN A 199 -8.14 29.50 21.99
CA GLN A 199 -9.55 29.82 21.73
C GLN A 199 -10.45 29.40 22.91
N ARG A 200 -10.00 28.40 23.67
CA ARG A 200 -10.77 27.82 24.76
C ARG A 200 -10.32 28.25 26.16
N ASN A 201 -9.11 28.78 26.26
N ASN A 201 -9.11 28.80 26.23
CA ASN A 201 -8.60 29.33 27.51
CA ASN A 201 -8.53 29.33 27.47
C ASN A 201 -8.11 30.76 27.31
C ASN A 201 -8.11 30.78 27.27
N CYS A 202 -8.88 31.71 27.84
CA CYS A 202 -8.61 33.13 27.64
C CYS A 202 -7.40 33.69 28.41
N ASN A 203 -6.88 32.90 29.35
CA ASN A 203 -5.67 33.27 30.08
C ASN A 203 -4.39 32.89 29.32
N LEU A 204 -4.57 32.11 28.25
CA LEU A 204 -3.45 31.58 27.47
C LEU A 204 -3.31 32.26 26.10
N THR A 205 -2.08 32.34 25.61
CA THR A 205 -1.79 32.98 24.33
C THR A 205 -0.63 32.31 23.60
N GLN A 206 -0.57 32.50 22.28
CA GLN A 206 0.59 32.10 21.50
C GLN A 206 1.69 33.15 21.66
N ILE A 207 2.92 32.69 21.81
CA ILE A 207 4.08 33.56 21.91
C ILE A 207 4.97 33.40 20.69
N GLY A 208 5.16 34.50 19.97
CA GLY A 208 6.03 34.53 18.80
C GLY A 208 5.37 33.90 17.59
N GLY A 209 6.19 33.56 16.60
CA GLY A 209 5.72 32.96 15.36
C GLY A 209 6.02 31.47 15.28
N LEU A 210 6.17 30.97 14.07
CA LEU A 210 6.42 29.55 13.85
C LEU A 210 7.92 29.24 13.88
N ILE A 211 8.28 28.20 14.62
CA ILE A 211 9.67 27.81 14.79
C ILE A 211 10.16 26.87 13.66
N ASP A 212 9.24 26.05 13.13
CA ASP A 212 9.49 25.29 11.91
C ASP A 212 8.27 25.37 10.97
N SER A 213 8.25 24.54 9.94
CA SER A 213 7.13 24.53 9.00
C SER A 213 6.90 23.15 8.42
N LYS A 214 5.63 22.74 8.41
CA LYS A 214 5.24 21.46 7.83
C LYS A 214 3.78 21.53 7.46
N GLY A 215 3.34 20.58 6.64
CA GLY A 215 1.94 20.53 6.23
C GLY A 215 1.31 19.18 6.47
N TYR A 216 0.00 19.21 6.69
CA TYR A 216 -0.84 18.03 6.68
C TYR A 216 -1.35 17.82 5.26
N GLY A 217 -1.21 16.61 4.73
CA GLY A 217 -1.70 16.31 3.39
C GLY A 217 -2.50 15.03 3.39
N VAL A 218 -3.25 14.80 2.31
CA VAL A 218 -3.99 13.56 2.16
C VAL A 218 -3.03 12.50 1.61
N GLY A 219 -2.89 11.39 2.32
CA GLY A 219 -1.97 10.33 1.89
C GLY A 219 -2.67 9.40 0.92
N THR A 220 -1.91 8.87 -0.06
CA THR A 220 -2.41 7.88 -1.00
C THR A 220 -1.31 6.85 -1.21
N PRO A 221 -1.65 5.66 -1.75
CA PRO A 221 -0.55 4.79 -2.18
C PRO A 221 0.24 5.45 -3.29
N ILE A 222 1.51 5.06 -3.45
CA ILE A 222 2.35 5.58 -4.52
C ILE A 222 1.67 5.32 -5.86
N GLY A 223 1.55 6.36 -6.67
CA GLY A 223 0.96 6.24 -8.01
C GLY A 223 -0.55 6.44 -8.07
N SER A 224 -1.20 6.65 -6.92
CA SER A 224 -2.63 6.85 -6.90
C SER A 224 -3.10 7.94 -7.85
N PRO A 225 -4.11 7.67 -8.69
CA PRO A 225 -4.62 8.68 -9.59
C PRO A 225 -5.49 9.72 -8.88
N TYR A 226 -5.69 9.58 -7.56
CA TYR A 226 -6.48 10.57 -6.79
C TYR A 226 -5.64 11.70 -6.21
N ARG A 227 -4.33 11.49 -6.09
CA ARG A 227 -3.48 12.47 -5.39
C ARG A 227 -3.53 13.87 -6.00
N ASP A 228 -3.25 13.97 -7.30
CA ASP A 228 -3.28 15.27 -7.96
C ASP A 228 -4.67 15.87 -8.01
N LYS A 229 -5.70 15.03 -8.15
CA LYS A 229 -7.08 15.51 -8.11
C LYS A 229 -7.40 16.13 -6.75
N ILE A 230 -6.91 15.51 -5.68
CA ILE A 230 -7.16 16.03 -4.33
C ILE A 230 -6.40 17.34 -4.11
N THR A 231 -5.17 17.42 -4.60
CA THR A 231 -4.46 18.70 -4.57
C THR A 231 -5.31 19.82 -5.20
N ILE A 232 -5.83 19.53 -6.39
N ILE A 232 -5.86 19.56 -6.38
CA ILE A 232 -6.68 20.48 -7.16
CA ILE A 232 -6.64 20.59 -7.09
C ILE A 232 -7.85 20.92 -6.30
C ILE A 232 -7.93 20.94 -6.35
N ALA A 233 -8.57 19.95 -5.72
CA ALA A 233 -9.74 20.23 -4.88
C ALA A 233 -9.35 21.08 -3.66
N ILE A 234 -8.24 20.72 -3.03
CA ILE A 234 -7.73 21.50 -1.90
C ILE A 234 -7.47 22.96 -2.28
N LEU A 235 -6.82 23.20 -3.42
CA LEU A 235 -6.55 24.57 -3.87
C LEU A 235 -7.84 25.35 -4.12
N GLN A 236 -8.83 24.71 -4.74
N GLN A 236 -8.81 24.70 -4.77
CA GLN A 236 -10.13 25.35 -4.94
CA GLN A 236 -10.16 25.26 -4.91
C GLN A 236 -10.84 25.69 -3.61
C GLN A 236 -10.69 25.73 -3.57
N LEU A 237 -10.74 24.79 -2.63
CA LEU A 237 -11.33 25.03 -1.31
C LEU A 237 -10.59 26.16 -0.60
N GLN A 238 -9.28 26.19 -0.76
CA GLN A 238 -8.48 27.28 -0.19
C GLN A 238 -8.89 28.61 -0.79
N GLU A 239 -8.90 28.68 -2.11
CA GLU A 239 -9.13 29.95 -2.81
C GLU A 239 -10.54 30.48 -2.64
N GLU A 240 -11.51 29.58 -2.52
N GLU A 240 -11.49 29.56 -2.50
CA GLU A 240 -12.90 29.97 -2.32
CA GLU A 240 -12.90 29.89 -2.32
C GLU A 240 -13.26 30.17 -0.85
C GLU A 240 -13.22 30.32 -0.88
N GLY A 241 -12.24 30.16 0.01
CA GLY A 241 -12.41 30.48 1.44
C GLY A 241 -13.02 29.39 2.29
N LYS A 242 -13.16 28.19 1.72
CA LYS A 242 -13.81 27.09 2.40
C LYS A 242 -12.94 26.41 3.45
N LEU A 243 -11.63 26.30 3.19
CA LEU A 243 -10.70 25.82 4.21
C LEU A 243 -10.70 26.73 5.44
N HIS A 244 -10.78 28.04 5.20
CA HIS A 244 -10.86 29.02 6.28
C HIS A 244 -12.10 28.78 7.13
N MET A 245 -13.25 28.60 6.49
N MET A 245 -13.25 28.61 6.48
CA MET A 245 -14.50 28.45 7.23
CA MET A 245 -14.52 28.40 7.17
C MET A 245 -14.59 27.09 7.93
C MET A 245 -14.46 27.12 7.97
N MET A 246 -13.94 26.08 7.38
N MET A 246 -13.96 26.06 7.33
CA MET A 246 -13.90 24.77 8.04
CA MET A 246 -13.83 24.77 7.96
C MET A 246 -12.99 24.82 9.27
C MET A 246 -13.01 24.85 9.25
N LYS A 247 -11.89 25.57 9.17
CA LYS A 247 -11.00 25.75 10.31
C LYS A 247 -11.73 26.52 11.41
N GLU A 248 -12.43 27.57 11.01
N GLU A 248 -12.42 27.59 11.02
CA GLU A 248 -13.18 28.43 11.94
CA GLU A 248 -13.16 28.42 11.96
C GLU A 248 -14.31 27.69 12.64
C GLU A 248 -14.22 27.58 12.69
N LYS A 249 -14.94 26.76 11.94
CA LYS A 249 -16.01 25.92 12.50
C LYS A 249 -15.52 25.11 13.71
N TRP A 250 -14.35 24.50 13.58
CA TRP A 250 -13.82 23.59 14.59
C TRP A 250 -12.90 24.24 15.64
N TRP A 251 -12.22 25.31 15.27
CA TRP A 251 -11.26 25.95 16.17
C TRP A 251 -11.83 27.04 17.06
N ARG A 252 -12.79 27.81 16.53
CA ARG A 252 -13.32 28.98 17.25
C ARG A 252 -13.89 28.59 18.63
N GLY A 253 -13.55 29.39 19.63
CA GLY A 253 -14.02 29.15 21.00
C GLY A 253 -15.19 30.02 21.39
N ASN A 254 -15.34 30.26 22.70
CA ASN A 254 -16.43 31.06 23.25
C ASN A 254 -16.12 32.56 23.28
N ARG B 4 26.17 -12.63 2.37
CA ARG B 4 25.79 -12.82 0.94
C ARG B 4 24.49 -12.08 0.62
N THR B 5 24.59 -11.06 -0.23
CA THR B 5 23.39 -10.44 -0.79
C THR B 5 22.91 -11.31 -1.93
N LEU B 6 21.70 -11.84 -1.77
CA LEU B 6 21.15 -12.75 -2.76
C LEU B 6 20.69 -12.03 -4.02
N ILE B 7 21.09 -12.56 -5.17
CA ILE B 7 20.58 -12.05 -6.43
C ILE B 7 19.27 -12.77 -6.77
N VAL B 8 18.22 -11.98 -6.98
CA VAL B 8 16.91 -12.57 -7.24
C VAL B 8 16.52 -12.27 -8.69
N THR B 9 16.44 -13.32 -9.49
CA THR B 9 15.94 -13.16 -10.84
C THR B 9 14.41 -13.14 -10.82
N THR B 10 13.84 -12.29 -11.67
CA THR B 10 12.38 -12.22 -11.79
C THR B 10 12.02 -11.68 -13.19
N ILE B 11 10.74 -11.45 -13.43
CA ILE B 11 10.27 -11.12 -14.76
C ILE B 11 9.09 -10.16 -14.62
N LEU B 12 9.02 -9.15 -15.49
CA LEU B 12 7.88 -8.25 -15.47
C LEU B 12 6.63 -9.00 -15.85
N GLU B 13 5.62 -8.95 -14.98
CA GLU B 13 4.35 -9.66 -15.19
C GLU B 13 3.33 -9.17 -14.19
N GLU B 14 2.31 -8.45 -14.67
CA GLU B 14 1.25 -7.94 -13.81
C GLU B 14 0.38 -9.08 -13.26
N PRO B 15 0.04 -9.06 -11.94
CA PRO B 15 0.41 -8.12 -10.88
C PRO B 15 1.60 -8.58 -10.02
N TYR B 16 2.39 -9.54 -10.52
CA TYR B 16 3.48 -10.11 -9.73
C TYR B 16 4.68 -9.18 -9.59
N VAL B 17 5.08 -8.58 -10.71
CA VAL B 17 6.27 -7.73 -10.76
C VAL B 17 6.00 -6.62 -11.75
N MET B 18 6.02 -5.39 -11.26
N MET B 18 6.07 -5.39 -11.26
CA MET B 18 5.82 -4.20 -12.09
CA MET B 18 5.81 -4.20 -12.07
C MET B 18 6.78 -3.10 -11.66
C MET B 18 6.71 -3.07 -11.64
N TYR B 19 7.05 -2.18 -12.56
CA TYR B 19 7.72 -0.95 -12.20
C TYR B 19 6.69 -0.08 -11.46
N ARG B 20 7.12 0.56 -10.38
CA ARG B 20 6.25 1.47 -9.65
C ARG B 20 5.90 2.67 -10.53
N LYS B 21 4.66 3.15 -10.40
CA LYS B 21 4.19 4.32 -11.14
C LYS B 21 4.65 5.55 -10.38
N SER B 22 5.94 5.85 -10.48
CA SER B 22 6.52 6.96 -9.73
C SER B 22 7.78 7.48 -10.40
N ASP B 23 7.98 8.78 -10.33
CA ASP B 23 9.23 9.42 -10.75
C ASP B 23 10.05 9.86 -9.53
N LYS B 24 9.65 9.40 -8.35
CA LYS B 24 10.42 9.66 -7.13
C LYS B 24 11.79 8.95 -7.21
N PRO B 25 12.78 9.39 -6.41
CA PRO B 25 14.09 8.76 -6.47
C PRO B 25 14.04 7.40 -5.79
N LEU B 26 13.74 6.38 -6.58
CA LEU B 26 13.65 5.00 -6.12
C LEU B 26 14.77 4.24 -6.82
N TYR B 27 15.56 3.50 -6.05
CA TYR B 27 16.69 2.79 -6.62
C TYR B 27 16.61 1.32 -6.24
N GLY B 28 17.34 0.49 -6.98
CA GLY B 28 17.40 -0.94 -6.66
C GLY B 28 16.04 -1.58 -6.54
N ASN B 29 15.80 -2.30 -5.45
CA ASN B 29 14.55 -3.03 -5.25
C ASN B 29 13.32 -2.13 -5.20
N ASP B 30 13.54 -0.87 -4.83
CA ASP B 30 12.46 0.08 -4.61
C ASP B 30 11.81 0.56 -5.92
N ARG B 31 12.45 0.24 -7.03
CA ARG B 31 11.90 0.53 -8.36
C ARG B 31 10.70 -0.34 -8.69
N PHE B 32 10.53 -1.44 -7.97
CA PHE B 32 9.52 -2.45 -8.30
C PHE B 32 8.43 -2.60 -7.25
N GLU B 33 7.29 -3.12 -7.67
CA GLU B 33 6.18 -3.44 -6.77
C GLU B 33 5.44 -4.67 -7.31
N GLY B 34 4.61 -5.27 -6.47
CA GLY B 34 3.80 -6.40 -6.91
C GLY B 34 3.79 -7.55 -5.93
N TYR B 35 2.96 -8.54 -6.22
CA TYR B 35 2.82 -9.69 -5.35
C TYR B 35 4.18 -10.32 -5.02
N CYS B 36 5.01 -10.50 -6.03
CA CYS B 36 6.29 -11.18 -5.81
C CYS B 36 7.27 -10.31 -5.04
N LEU B 37 7.16 -9.00 -5.18
CA LEU B 37 7.99 -8.11 -4.39
C LEU B 37 7.60 -8.14 -2.90
N ASP B 38 6.30 -8.20 -2.63
CA ASP B 38 5.81 -8.34 -1.26
C ASP B 38 6.22 -9.68 -0.67
N LEU B 39 6.13 -10.73 -1.48
CA LEU B 39 6.54 -12.05 -1.00
C LEU B 39 8.01 -12.05 -0.64
N LEU B 40 8.82 -11.51 -1.55
CA LEU B 40 10.27 -11.44 -1.36
C LEU B 40 10.60 -10.66 -0.09
N LYS B 41 9.93 -9.53 0.13
CA LYS B 41 10.11 -8.78 1.38
C LYS B 41 9.85 -9.63 2.62
N GLU B 42 8.73 -10.36 2.64
CA GLU B 42 8.40 -11.23 3.76
C GLU B 42 9.42 -12.36 3.94
N LEU B 43 9.83 -12.94 2.82
CA LEU B 43 10.85 -13.99 2.86
C LEU B 43 12.14 -13.47 3.47
N SER B 44 12.56 -12.30 3.04
N SER B 44 12.55 -12.29 3.04
CA SER B 44 13.79 -11.68 3.53
CA SER B 44 13.79 -11.64 3.51
C SER B 44 13.73 -11.46 5.04
C SER B 44 13.75 -11.31 4.99
N ASN B 45 12.58 -11.00 5.52
CA ASN B 45 12.40 -10.73 6.93
C ASN B 45 12.30 -11.97 7.82
N ILE B 46 11.80 -13.08 7.27
CA ILE B 46 11.75 -14.34 8.00
C ILE B 46 13.12 -15.02 8.03
N LEU B 47 13.78 -15.06 6.89
CA LEU B 47 15.05 -15.76 6.75
C LEU B 47 16.24 -14.89 7.15
N GLY B 48 16.09 -13.59 7.00
CA GLY B 48 17.15 -12.63 7.33
C GLY B 48 18.20 -12.55 6.24
N PHE B 49 17.79 -12.29 5.02
CA PHE B 49 18.75 -12.09 3.94
C PHE B 49 18.61 -10.73 3.27
N LEU B 50 19.72 -10.25 2.73
CA LEU B 50 19.71 -9.07 1.87
C LEU B 50 19.57 -9.58 0.45
N TYR B 51 18.98 -8.76 -0.40
CA TYR B 51 18.75 -9.19 -1.78
C TYR B 51 18.76 -8.06 -2.78
N ASP B 52 19.01 -8.40 -4.03
N ASP B 52 19.03 -8.41 -4.04
CA ASP B 52 18.97 -7.43 -5.12
CA ASP B 52 19.06 -7.49 -5.17
C ASP B 52 18.24 -8.05 -6.29
C ASP B 52 18.21 -8.10 -6.27
N VAL B 53 17.15 -7.40 -6.67
CA VAL B 53 16.27 -7.87 -7.73
C VAL B 53 16.83 -7.50 -9.10
N LYS B 54 16.99 -8.50 -9.95
N LYS B 54 16.98 -8.50 -9.97
CA LYS B 54 17.44 -8.29 -11.31
CA LYS B 54 17.47 -8.30 -11.32
C LYS B 54 16.44 -8.93 -12.27
C LYS B 54 16.55 -8.96 -12.35
N LEU B 55 15.92 -8.14 -13.20
CA LEU B 55 15.04 -8.67 -14.24
C LEU B 55 15.83 -9.58 -15.18
N VAL B 56 15.25 -10.73 -15.52
CA VAL B 56 15.93 -11.70 -16.38
C VAL B 56 16.22 -11.03 -17.74
N PRO B 57 17.49 -10.99 -18.16
CA PRO B 57 17.89 -10.24 -19.35
C PRO B 57 17.11 -10.59 -20.62
N ASP B 58 16.82 -11.87 -20.84
CA ASP B 58 16.12 -12.29 -22.06
C ASP B 58 14.59 -12.27 -21.96
N GLY B 59 14.08 -11.88 -20.79
CA GLY B 59 12.65 -11.75 -20.53
C GLY B 59 11.85 -13.04 -20.66
N LYS B 60 12.49 -14.17 -20.38
CA LYS B 60 11.85 -15.48 -20.52
C LYS B 60 11.79 -16.23 -19.20
N TYR B 61 10.81 -17.12 -19.09
CA TYR B 61 10.65 -17.95 -17.88
C TYR B 61 11.72 -19.03 -17.79
N GLY B 62 11.87 -19.81 -18.85
CA GLY B 62 12.87 -20.85 -18.84
C GLY B 62 12.42 -22.11 -19.55
N ALA B 63 13.04 -22.35 -20.70
CA ALA B 63 12.80 -23.52 -21.54
C ALA B 63 14.11 -24.01 -22.13
N GLN B 64 14.09 -25.25 -22.61
N GLN B 64 14.16 -25.29 -22.52
CA GLN B 64 15.29 -25.99 -23.05
CA GLN B 64 15.39 -25.84 -23.07
C GLN B 64 15.27 -26.24 -24.56
C GLN B 64 15.27 -26.15 -24.56
N ASN B 65 16.41 -26.08 -25.23
CA ASN B 65 16.53 -26.43 -26.64
C ASN B 65 17.01 -27.87 -26.79
N ASP B 66 17.24 -28.31 -28.02
CA ASP B 66 17.58 -29.70 -28.27
C ASP B 66 18.98 -30.12 -27.80
N LYS B 67 19.81 -29.12 -27.47
CA LYS B 67 21.15 -29.37 -26.96
C LYS B 67 21.18 -29.40 -25.43
N GLY B 68 20.01 -29.28 -24.83
CA GLY B 68 19.90 -29.25 -23.37
C GLY B 68 20.27 -27.89 -22.79
N GLU B 69 20.32 -26.88 -23.66
CA GLU B 69 20.64 -25.52 -23.24
C GLU B 69 19.38 -24.78 -22.82
N TRP B 70 19.43 -24.15 -21.65
CA TRP B 70 18.27 -23.47 -21.10
C TRP B 70 18.31 -21.96 -21.34
N ASN B 71 17.16 -21.30 -21.21
CA ASN B 71 17.09 -19.84 -21.24
C ASN B 71 16.37 -19.31 -19.99
N GLY B 72 16.09 -18.01 -20.00
CA GLY B 72 15.24 -17.40 -18.98
C GLY B 72 15.76 -17.47 -17.53
N MET B 73 14.84 -17.36 -16.58
CA MET B 73 15.20 -17.41 -15.16
C MET B 73 15.86 -18.73 -14.78
N VAL B 74 15.39 -19.82 -15.38
CA VAL B 74 15.99 -21.13 -15.14
C VAL B 74 17.48 -21.11 -15.49
N LYS B 75 17.84 -20.57 -16.66
N LYS B 75 17.84 -20.57 -16.66
CA LYS B 75 19.24 -20.46 -17.04
CA LYS B 75 19.25 -20.45 -17.04
C LYS B 75 20.06 -19.61 -16.07
C LYS B 75 20.04 -19.64 -16.01
N GLU B 76 19.47 -18.55 -15.54
CA GLU B 76 20.13 -17.71 -14.55
C GLU B 76 20.50 -18.50 -13.31
N LEU B 77 19.59 -19.37 -12.87
CA LEU B 77 19.85 -20.22 -11.70
C LEU B 77 20.93 -21.26 -12.01
N ILE B 78 20.80 -21.90 -13.17
CA ILE B 78 21.75 -22.94 -13.59
C ILE B 78 23.17 -22.38 -13.62
N ASP B 79 23.31 -21.14 -14.11
CA ASP B 79 24.60 -20.49 -14.28
C ASP B 79 25.11 -19.84 -12.99
N HIS B 80 24.32 -19.95 -11.92
CA HIS B 80 24.65 -19.35 -10.62
C HIS B 80 24.76 -17.81 -10.75
N ARG B 81 23.98 -17.23 -11.68
N ARG B 81 23.99 -17.23 -11.67
CA ARG B 81 23.86 -15.77 -11.86
CA ARG B 81 23.90 -15.79 -11.83
C ARG B 81 22.66 -15.20 -11.11
C ARG B 81 22.85 -15.23 -10.88
N ALA B 82 21.94 -16.08 -10.42
CA ALA B 82 20.89 -15.68 -9.47
C ALA B 82 20.87 -16.75 -8.41
N ASP B 83 20.53 -16.34 -7.19
CA ASP B 83 20.38 -17.26 -6.06
C ASP B 83 18.95 -17.79 -5.94
N LEU B 84 17.98 -16.94 -6.26
CA LEU B 84 16.57 -17.28 -6.21
C LEU B 84 15.87 -16.76 -7.46
N ALA B 85 14.83 -17.46 -7.88
CA ALA B 85 13.87 -16.92 -8.86
C ALA B 85 12.54 -16.78 -8.12
N VAL B 86 12.06 -15.55 -8.01
CA VAL B 86 10.80 -15.30 -7.36
C VAL B 86 9.89 -14.66 -8.39
N ALA B 87 8.96 -15.46 -8.91
CA ALA B 87 8.17 -15.10 -10.09
C ALA B 87 7.01 -16.11 -10.19
N PRO B 88 6.04 -15.84 -11.07
CA PRO B 88 5.01 -16.84 -11.37
C PRO B 88 5.63 -17.93 -12.24
N LEU B 89 6.46 -18.75 -11.60
CA LEU B 89 7.29 -19.76 -12.26
C LEU B 89 6.80 -21.14 -11.84
N THR B 90 6.31 -21.92 -12.81
CA THR B 90 5.66 -23.19 -12.50
C THR B 90 6.66 -24.27 -12.15
N ILE B 91 6.37 -24.99 -11.06
CA ILE B 91 7.11 -26.18 -10.68
C ILE B 91 6.76 -27.31 -11.65
N THR B 92 7.75 -27.77 -12.42
CA THR B 92 7.52 -28.82 -13.40
C THR B 92 8.60 -29.90 -13.32
N TYR B 93 8.23 -31.09 -13.79
CA TYR B 93 9.13 -32.23 -13.88
C TYR B 93 10.45 -31.88 -14.57
N VAL B 94 10.39 -31.30 -15.77
N VAL B 94 10.38 -31.30 -15.77
CA VAL B 94 11.62 -31.00 -16.53
CA VAL B 94 11.58 -30.98 -16.55
C VAL B 94 12.53 -29.98 -15.81
C VAL B 94 12.51 -29.98 -15.84
N ARG B 95 11.91 -28.99 -15.17
CA ARG B 95 12.68 -27.96 -14.48
C ARG B 95 13.33 -28.50 -13.21
N GLU B 96 12.65 -29.42 -12.51
CA GLU B 96 13.22 -30.07 -11.32
C GLU B 96 14.45 -30.93 -11.62
N LYS B 97 14.68 -31.24 -12.90
CA LYS B 97 15.88 -31.96 -13.31
C LYS B 97 17.12 -31.07 -13.23
N VAL B 98 16.91 -29.75 -13.28
CA VAL B 98 18.05 -28.80 -13.41
C VAL B 98 18.12 -27.71 -12.34
N ILE B 99 16.99 -27.46 -11.67
CA ILE B 99 16.95 -26.52 -10.53
C ILE B 99 16.09 -27.14 -9.40
N ASP B 100 16.16 -26.56 -8.21
CA ASP B 100 15.27 -26.94 -7.10
C ASP B 100 14.17 -25.88 -6.97
N PHE B 101 13.10 -26.23 -6.26
CA PHE B 101 11.98 -25.31 -6.04
C PHE B 101 11.54 -25.43 -4.60
N SER B 102 11.18 -24.31 -3.98
CA SER B 102 10.39 -24.36 -2.76
C SER B 102 9.05 -25.02 -3.04
N LYS B 103 8.38 -25.45 -1.97
CA LYS B 103 6.97 -25.82 -2.12
C LYS B 103 6.18 -24.58 -2.58
N PRO B 104 4.98 -24.81 -3.16
CA PRO B 104 4.32 -23.67 -3.83
C PRO B 104 3.79 -22.57 -2.91
N PHE B 105 3.92 -21.32 -3.37
CA PHE B 105 3.28 -20.20 -2.67
C PHE B 105 1.91 -19.88 -3.29
N MET B 106 1.64 -20.48 -4.45
N MET B 106 1.65 -20.47 -4.46
CA MET B 106 0.35 -20.31 -5.12
CA MET B 106 0.41 -20.30 -5.19
C MET B 106 0.06 -21.56 -5.92
C MET B 106 0.08 -21.62 -5.88
N THR B 107 -1.19 -22.04 -5.83
CA THR B 107 -1.62 -23.23 -6.58
C THR B 107 -2.74 -22.83 -7.52
N LEU B 108 -2.67 -23.33 -8.76
CA LEU B 108 -3.52 -22.85 -9.83
C LEU B 108 -3.84 -23.97 -10.80
N GLY B 109 -4.85 -23.74 -11.64
CA GLY B 109 -5.24 -24.73 -12.62
C GLY B 109 -5.92 -24.04 -13.78
N ILE B 110 -5.90 -24.69 -14.94
CA ILE B 110 -6.63 -24.22 -16.10
C ILE B 110 -8.12 -24.15 -15.74
N SER B 111 -8.77 -23.06 -16.15
CA SER B 111 -10.21 -22.94 -15.98
C SER B 111 -10.83 -22.19 -17.16
N ILE B 112 -12.10 -21.81 -17.02
CA ILE B 112 -12.86 -21.20 -18.12
C ILE B 112 -13.29 -19.77 -17.80
N LEU B 113 -12.98 -18.85 -18.71
CA LEU B 113 -13.45 -17.47 -18.64
C LEU B 113 -14.60 -17.26 -19.63
N TYR B 114 -15.75 -16.85 -19.10
CA TYR B 114 -16.98 -16.69 -19.91
C TYR B 114 -17.91 -15.63 -19.26
N ARG B 115 -19.02 -15.34 -19.92
CA ARG B 115 -19.99 -14.36 -19.43
C ARG B 115 -20.86 -14.89 -18.30
N LYS B 116 -21.37 -13.98 -17.47
CA LYS B 116 -22.34 -14.32 -16.43
C LYS B 116 -23.72 -14.58 -17.04
N GLY B 117 -24.55 -15.30 -16.29
CA GLY B 117 -25.96 -15.52 -16.66
C GLY B 117 -26.18 -16.50 -17.80
N THR B 118 -25.37 -17.56 -17.84
CA THR B 118 -25.50 -18.60 -18.85
C THR B 118 -25.54 -19.98 -18.19
N PRO B 119 -26.30 -20.93 -18.78
CA PRO B 119 -26.42 -22.28 -18.23
C PRO B 119 -25.13 -23.11 -18.28
N ILE B 120 -24.06 -22.54 -18.84
CA ILE B 120 -22.75 -23.19 -18.91
C ILE B 120 -22.11 -23.26 -17.52
N ASP B 121 -21.77 -24.47 -17.08
CA ASP B 121 -21.29 -24.70 -15.72
C ASP B 121 -19.97 -25.48 -15.65
N SER B 122 -19.57 -26.07 -16.77
CA SER B 122 -18.34 -26.88 -16.81
C SER B 122 -17.72 -26.94 -18.20
N ALA B 123 -16.54 -27.55 -18.30
CA ALA B 123 -15.88 -27.85 -19.58
C ALA B 123 -16.66 -28.89 -20.38
N ASP B 124 -17.32 -29.81 -19.68
CA ASP B 124 -18.18 -30.82 -20.31
C ASP B 124 -19.37 -30.19 -21.00
N ASP B 125 -19.86 -29.08 -20.44
CA ASP B 125 -20.95 -28.30 -21.03
C ASP B 125 -20.52 -27.60 -22.31
N LEU B 126 -19.23 -27.26 -22.41
CA LEU B 126 -18.66 -26.68 -23.63
C LEU B 126 -18.36 -27.75 -24.68
N ALA B 127 -17.74 -28.84 -24.23
CA ALA B 127 -17.29 -29.92 -25.12
C ALA B 127 -18.41 -30.54 -25.95
N LYS B 128 -19.58 -30.75 -25.34
CA LYS B 128 -20.70 -31.44 -25.98
C LYS B 128 -21.45 -30.60 -27.02
N GLN B 129 -21.19 -29.29 -27.04
CA GLN B 129 -21.81 -28.39 -27.99
C GLN B 129 -20.78 -27.70 -28.90
N THR B 130 -21.26 -27.04 -29.96
CA THR B 130 -20.38 -26.36 -30.91
C THR B 130 -20.85 -24.93 -31.24
N LYS B 131 -21.96 -24.53 -30.65
CA LYS B 131 -22.53 -23.19 -30.85
C LYS B 131 -21.64 -22.09 -30.28
N ILE B 132 -21.05 -22.37 -29.11
CA ILE B 132 -20.14 -21.43 -28.46
C ILE B 132 -18.70 -21.81 -28.76
N GLU B 133 -17.95 -20.89 -29.37
CA GLU B 133 -16.53 -21.08 -29.65
C GLU B 133 -15.74 -21.11 -28.35
N TYR B 134 -14.72 -21.96 -28.30
CA TYR B 134 -13.81 -22.01 -27.16
C TYR B 134 -12.39 -22.40 -27.58
N GLY B 135 -11.41 -21.85 -26.90
CA GLY B 135 -10.01 -22.11 -27.23
C GLY B 135 -9.03 -21.62 -26.19
N ALA B 136 -7.78 -21.46 -26.61
CA ALA B 136 -6.70 -21.07 -25.71
C ALA B 136 -5.71 -20.21 -26.49
N VAL B 137 -4.79 -19.56 -25.77
CA VAL B 137 -3.68 -18.85 -26.39
C VAL B 137 -2.80 -19.85 -27.13
N ARG B 138 -2.50 -19.54 -28.38
CA ARG B 138 -1.71 -20.44 -29.23
C ARG B 138 -0.32 -20.70 -28.63
N ASP B 139 0.06 -21.97 -28.57
CA ASP B 139 1.41 -22.40 -28.17
C ASP B 139 1.76 -22.15 -26.70
N GLY B 140 0.75 -21.81 -25.89
CA GLY B 140 0.93 -21.60 -24.45
C GLY B 140 0.77 -22.89 -23.68
N SER B 141 0.96 -22.82 -22.37
CA SER B 141 0.86 -23.99 -21.50
C SER B 141 -0.53 -24.63 -21.52
N THR B 142 -1.56 -23.81 -21.63
CA THR B 142 -2.96 -24.28 -21.63
C THR B 142 -3.30 -25.03 -22.92
N MET B 143 -2.90 -24.47 -24.06
CA MET B 143 -3.10 -25.16 -25.34
C MET B 143 -2.39 -26.52 -25.33
N THR B 144 -1.17 -26.53 -24.81
CA THR B 144 -0.35 -27.73 -24.75
C THR B 144 -0.98 -28.82 -23.88
N PHE B 145 -1.52 -28.44 -22.72
CA PHE B 145 -2.26 -29.37 -21.89
C PHE B 145 -3.29 -30.15 -22.71
N PHE B 146 -4.12 -29.41 -23.44
CA PHE B 146 -5.17 -30.01 -24.28
C PHE B 146 -4.59 -30.86 -25.39
N LYS B 147 -3.46 -30.43 -25.95
CA LYS B 147 -2.78 -31.19 -27.02
C LYS B 147 -2.23 -32.52 -26.53
N LYS B 148 -1.65 -32.52 -25.33
CA LYS B 148 -1.02 -33.71 -24.77
C LYS B 148 -1.98 -34.63 -24.01
N SER B 149 -3.19 -34.13 -23.73
CA SER B 149 -4.15 -34.86 -22.89
C SER B 149 -4.68 -36.14 -23.52
N LYS B 150 -4.88 -37.14 -22.66
CA LYS B 150 -5.48 -38.41 -23.04
C LYS B 150 -6.84 -38.59 -22.37
N ILE B 151 -7.31 -37.53 -21.71
CA ILE B 151 -8.65 -37.51 -21.12
C ILE B 151 -9.65 -37.22 -22.23
N SER B 152 -10.61 -38.13 -22.42
CA SER B 152 -11.52 -38.13 -23.57
C SER B 152 -12.22 -36.78 -23.84
N THR B 153 -12.71 -36.14 -22.78
CA THR B 153 -13.40 -34.85 -22.93
C THR B 153 -12.47 -33.71 -23.37
N TYR B 154 -11.23 -33.72 -22.88
CA TYR B 154 -10.24 -32.73 -23.28
C TYR B 154 -9.61 -33.07 -24.63
N GLU B 155 -9.69 -34.33 -25.02
CA GLU B 155 -9.32 -34.78 -26.37
C GLU B 155 -10.32 -34.25 -27.39
N LYS B 156 -11.59 -34.25 -27.00
CA LYS B 156 -12.68 -33.73 -27.82
C LYS B 156 -12.56 -32.22 -27.95
N MET B 157 -12.21 -31.56 -26.84
CA MET B 157 -12.01 -30.12 -26.82
C MET B 157 -10.83 -29.70 -27.69
N TRP B 158 -9.74 -30.47 -27.64
CA TRP B 158 -8.57 -30.22 -28.49
C TRP B 158 -8.88 -30.43 -29.97
N ALA B 159 -9.67 -31.46 -30.27
CA ALA B 159 -10.11 -31.73 -31.64
C ALA B 159 -10.88 -30.54 -32.22
N PHE B 160 -11.63 -29.86 -31.36
CA PHE B 160 -12.37 -28.67 -31.74
C PHE B 160 -11.44 -27.45 -31.91
N MET B 161 -10.44 -27.35 -31.05
CA MET B 161 -9.46 -26.26 -31.10
C MET B 161 -8.49 -26.40 -32.27
N SER B 162 -8.12 -27.64 -32.58
CA SER B 162 -7.17 -27.92 -33.66
C SER B 162 -7.78 -27.76 -35.05
N SER B 163 -9.05 -28.15 -35.20
CA SER B 163 -9.75 -28.02 -36.48
C SER B 163 -10.14 -26.58 -36.77
N ARG B 164 -10.50 -25.85 -35.71
CA ARG B 164 -10.86 -24.44 -35.81
C ARG B 164 -9.65 -23.56 -35.44
N GLN B 165 -8.45 -24.11 -35.63
CA GLN B 165 -7.17 -23.49 -35.26
C GLN B 165 -7.11 -21.99 -35.57
N GLN B 166 -7.64 -21.61 -36.74
CA GLN B 166 -7.62 -20.24 -37.22
C GLN B 166 -8.26 -19.23 -36.25
N SER B 167 -9.42 -19.58 -35.71
CA SER B 167 -10.21 -18.64 -34.91
C SER B 167 -10.30 -19.01 -33.44
N ALA B 168 -10.21 -20.30 -33.13
CA ALA B 168 -10.30 -20.78 -31.75
C ALA B 168 -9.07 -20.42 -30.92
N LEU B 169 -7.90 -20.53 -31.52
CA LEU B 169 -6.64 -20.20 -30.85
C LEU B 169 -6.24 -18.76 -31.12
N VAL B 170 -5.92 -18.04 -30.05
CA VAL B 170 -5.59 -16.61 -30.12
C VAL B 170 -4.09 -16.34 -29.96
N LYS B 171 -3.65 -15.13 -30.30
CA LYS B 171 -2.23 -14.77 -30.25
C LYS B 171 -1.69 -14.64 -28.83
N ASN B 172 -2.45 -13.95 -27.96
CA ASN B 172 -2.06 -13.74 -26.58
C ASN B 172 -3.28 -13.63 -25.66
N SER B 173 -3.03 -13.53 -24.35
CA SER B 173 -4.10 -13.43 -23.35
C SER B 173 -4.99 -12.21 -23.56
N ASP B 174 -4.40 -11.10 -23.96
CA ASP B 174 -5.13 -9.86 -24.23
C ASP B 174 -6.21 -10.02 -25.30
N GLU B 175 -5.89 -10.77 -26.36
CA GLU B 175 -6.83 -11.02 -27.45
C GLU B 175 -8.00 -11.90 -26.99
N GLY B 176 -7.70 -12.97 -26.26
CA GLY B 176 -8.71 -13.89 -25.75
C GLY B 176 -9.76 -13.23 -24.87
N ILE B 177 -9.32 -12.32 -24.01
CA ILE B 177 -10.22 -11.57 -23.12
C ILE B 177 -11.19 -10.71 -23.94
N GLN B 178 -10.67 -10.04 -24.96
CA GLN B 178 -11.48 -9.21 -25.86
C GLN B 178 -12.48 -10.03 -26.66
N ARG B 179 -12.05 -11.24 -27.06
CA ARG B 179 -12.91 -12.18 -27.78
C ARG B 179 -14.08 -12.65 -26.92
N VAL B 180 -13.82 -12.85 -25.63
CA VAL B 180 -14.84 -13.22 -24.66
C VAL B 180 -15.87 -12.07 -24.50
N LEU B 181 -15.37 -10.86 -24.36
CA LEU B 181 -16.20 -9.67 -24.09
C LEU B 181 -17.13 -9.26 -25.26
N THR B 182 -16.83 -9.72 -26.47
CA THR B 182 -17.52 -9.25 -27.67
C THR B 182 -18.29 -10.34 -28.43
N THR B 183 -17.71 -11.54 -28.52
CA THR B 183 -18.34 -12.66 -29.23
C THR B 183 -18.78 -13.76 -28.26
N ASP B 184 -19.51 -14.74 -28.77
CA ASP B 184 -19.92 -15.89 -27.97
C ASP B 184 -18.76 -16.89 -27.88
N TYR B 185 -17.82 -16.58 -26.98
CA TYR B 185 -16.54 -17.29 -26.89
C TYR B 185 -16.12 -17.49 -25.44
N ALA B 186 -15.53 -18.65 -25.18
CA ALA B 186 -14.97 -18.96 -23.87
C ALA B 186 -13.47 -19.21 -24.00
N LEU B 187 -12.70 -18.60 -23.11
CA LEU B 187 -11.25 -18.75 -23.12
C LEU B 187 -10.80 -19.67 -21.99
N LEU B 188 -10.05 -20.70 -22.38
CA LEU B 188 -9.40 -21.59 -21.41
C LEU B 188 -8.09 -20.94 -20.97
N MET B 189 -8.00 -20.65 -19.67
CA MET B 189 -6.85 -19.94 -19.13
C MET B 189 -6.64 -20.31 -17.65
N GLU B 190 -5.48 -19.93 -17.11
N GLU B 190 -5.49 -19.93 -17.10
CA GLU B 190 -5.14 -20.21 -15.72
CA GLU B 190 -5.18 -20.24 -15.71
C GLU B 190 -6.05 -19.49 -14.73
C GLU B 190 -6.09 -19.51 -14.75
N SER B 191 -6.45 -20.20 -13.68
CA SER B 191 -7.35 -19.67 -12.64
C SER B 191 -6.89 -18.34 -12.03
N THR B 192 -5.58 -18.20 -11.84
CA THR B 192 -5.00 -16.95 -11.33
C THR B 192 -5.34 -15.76 -12.24
N SER B 193 -5.16 -15.94 -13.55
CA SER B 193 -5.49 -14.90 -14.52
C SER B 193 -6.98 -14.61 -14.59
N ILE B 194 -7.80 -15.64 -14.55
CA ILE B 194 -9.26 -15.49 -14.56
C ILE B 194 -9.72 -14.69 -13.34
N GLU B 195 -9.18 -15.01 -12.18
CA GLU B 195 -9.50 -14.27 -10.95
C GLU B 195 -9.16 -12.80 -11.10
N TYR B 196 -7.99 -12.53 -11.68
CA TYR B 196 -7.52 -11.16 -11.91
C TYR B 196 -8.44 -10.38 -12.86
N VAL B 197 -8.90 -11.05 -13.91
CA VAL B 197 -9.74 -10.42 -14.94
C VAL B 197 -11.18 -10.23 -14.45
N THR B 198 -11.73 -11.25 -13.80
CA THR B 198 -13.13 -11.19 -13.30
C THR B 198 -13.33 -10.15 -12.21
N GLN B 199 -12.27 -9.89 -11.42
CA GLN B 199 -12.30 -8.82 -10.43
C GLN B 199 -12.41 -7.44 -11.09
N ARG B 200 -11.91 -7.34 -12.33
CA ARG B 200 -11.87 -6.08 -13.07
C ARG B 200 -12.93 -5.96 -14.18
N ASN B 201 -13.58 -7.08 -14.48
CA ASN B 201 -14.67 -7.11 -15.46
C ASN B 201 -15.88 -7.80 -14.84
N CYS B 202 -16.89 -7.00 -14.49
CA CYS B 202 -18.06 -7.54 -13.79
C CYS B 202 -19.01 -8.33 -14.69
N ASN B 203 -18.82 -8.23 -16.00
CA ASN B 203 -19.61 -8.98 -16.96
C ASN B 203 -19.07 -10.40 -17.18
N LEU B 204 -17.85 -10.63 -16.70
CA LEU B 204 -17.13 -11.89 -16.87
C LEU B 204 -17.08 -12.72 -15.59
N THR B 205 -17.09 -14.05 -15.74
CA THR B 205 -17.03 -14.96 -14.59
C THR B 205 -16.18 -16.20 -14.90
N GLN B 206 -15.77 -16.90 -13.84
CA GLN B 206 -15.14 -18.20 -13.99
C GLN B 206 -16.21 -19.27 -14.14
N ILE B 207 -15.99 -20.20 -15.07
CA ILE B 207 -16.91 -21.32 -15.28
C ILE B 207 -16.27 -22.63 -14.81
N GLY B 208 -16.95 -23.29 -13.87
CA GLY B 208 -16.50 -24.56 -13.34
C GLY B 208 -15.30 -24.42 -12.42
N GLY B 209 -14.60 -25.53 -12.22
CA GLY B 209 -13.43 -25.57 -11.35
C GLY B 209 -12.14 -25.67 -12.13
N LEU B 210 -11.12 -26.26 -11.49
CA LEU B 210 -9.80 -26.37 -12.09
C LEU B 210 -9.69 -27.62 -12.95
N ILE B 211 -9.18 -27.44 -14.16
CA ILE B 211 -9.04 -28.53 -15.13
C ILE B 211 -7.74 -29.33 -14.93
N ASP B 212 -6.70 -28.66 -14.45
CA ASP B 212 -5.47 -29.32 -14.01
C ASP B 212 -4.97 -28.70 -12.69
N SER B 213 -3.74 -29.02 -12.29
CA SER B 213 -3.18 -28.47 -11.05
C SER B 213 -1.68 -28.30 -11.14
N LYS B 214 -1.20 -27.14 -10.70
CA LYS B 214 0.23 -26.87 -10.66
C LYS B 214 0.48 -25.77 -9.65
N GLY B 215 1.73 -25.60 -9.25
CA GLY B 215 2.09 -24.55 -8.33
C GLY B 215 3.22 -23.67 -8.83
N TYR B 216 3.21 -22.42 -8.37
CA TYR B 216 4.35 -21.52 -8.52
C TYR B 216 5.25 -21.70 -7.30
N GLY B 217 6.54 -21.91 -7.53
CA GLY B 217 7.49 -22.03 -6.43
C GLY B 217 8.68 -21.12 -6.62
N VAL B 218 9.44 -20.90 -5.56
CA VAL B 218 10.67 -20.14 -5.66
C VAL B 218 11.77 -21.08 -6.15
N GLY B 219 12.40 -20.70 -7.27
CA GLY B 219 13.47 -21.51 -7.87
C GLY B 219 14.80 -21.21 -7.22
N THR B 220 15.63 -22.26 -7.09
CA THR B 220 16.99 -22.10 -6.61
C THR B 220 17.89 -23.02 -7.44
N PRO B 221 19.21 -22.78 -7.41
CA PRO B 221 20.10 -23.79 -8.00
C PRO B 221 19.96 -25.11 -7.23
N ILE B 222 20.29 -26.23 -7.89
CA ILE B 222 20.25 -27.53 -7.23
C ILE B 222 21.18 -27.50 -6.02
N GLY B 223 20.65 -27.94 -4.88
CA GLY B 223 21.43 -28.00 -3.64
C GLY B 223 21.41 -26.74 -2.80
N SER B 224 20.73 -25.69 -3.26
CA SER B 224 20.70 -24.43 -2.51
C SER B 224 20.24 -24.64 -1.08
N PRO B 225 20.97 -24.08 -0.10
CA PRO B 225 20.54 -24.20 1.29
C PRO B 225 19.40 -23.26 1.64
N TYR B 226 18.90 -22.47 0.69
CA TYR B 226 17.76 -21.58 0.92
C TYR B 226 16.40 -22.21 0.61
N ARG B 227 16.40 -23.28 -0.18
CA ARG B 227 15.14 -23.85 -0.67
C ARG B 227 14.19 -24.31 0.45
N ASP B 228 14.66 -25.18 1.33
CA ASP B 228 13.83 -25.64 2.44
C ASP B 228 13.46 -24.53 3.42
N LYS B 229 14.38 -23.59 3.62
CA LYS B 229 14.09 -22.41 4.45
C LYS B 229 12.94 -21.60 3.86
N ILE B 230 12.94 -21.46 2.54
CA ILE B 230 11.88 -20.70 1.88
C ILE B 230 10.56 -21.46 1.94
N THR B 231 10.60 -22.78 1.79
CA THR B 231 9.39 -23.58 2.01
C THR B 231 8.81 -23.31 3.39
N ILE B 232 9.66 -23.31 4.40
CA ILE B 232 9.15 -23.12 5.76
C ILE B 232 8.58 -21.71 5.93
N ALA B 233 9.23 -20.71 5.36
CA ALA B 233 8.70 -19.35 5.39
C ALA B 233 7.34 -19.26 4.67
N ILE B 234 7.24 -19.88 3.50
CA ILE B 234 5.98 -19.93 2.77
C ILE B 234 4.86 -20.55 3.61
N LEU B 235 5.15 -21.69 4.26
CA LEU B 235 4.12 -22.34 5.11
C LEU B 235 3.67 -21.43 6.26
N GLN B 236 4.62 -20.75 6.89
N GLN B 236 4.62 -20.76 6.90
CA GLN B 236 4.31 -19.77 7.94
CA GLN B 236 4.29 -19.75 7.91
C GLN B 236 3.40 -18.64 7.44
C GLN B 236 3.32 -18.72 7.37
N LEU B 237 3.71 -18.10 6.26
CA LEU B 237 2.93 -17.04 5.64
C LEU B 237 1.54 -17.55 5.26
N GLN B 238 1.45 -18.79 4.80
CA GLN B 238 0.15 -19.37 4.47
C GLN B 238 -0.69 -19.48 5.74
N GLU B 239 -0.11 -20.09 6.77
CA GLU B 239 -0.85 -20.42 7.99
C GLU B 239 -1.27 -19.19 8.78
N GLU B 240 -0.47 -18.14 8.73
N GLU B 240 -0.46 -18.13 8.70
CA GLU B 240 -0.81 -16.90 9.44
CA GLU B 240 -0.73 -16.88 9.39
C GLU B 240 -1.62 -15.92 8.56
C GLU B 240 -1.75 -16.01 8.65
N GLY B 241 -2.10 -16.42 7.43
CA GLY B 241 -3.03 -15.67 6.58
C GLY B 241 -2.42 -14.59 5.71
N LYS B 242 -1.09 -14.56 5.66
CA LYS B 242 -0.37 -13.50 4.94
C LYS B 242 -0.39 -13.68 3.42
N LEU B 243 -0.30 -14.93 2.95
CA LEU B 243 -0.44 -15.19 1.52
C LEU B 243 -1.82 -14.78 1.01
N HIS B 244 -2.85 -15.01 1.83
CA HIS B 244 -4.21 -14.58 1.50
C HIS B 244 -4.27 -13.06 1.33
N MET B 245 -3.70 -12.34 2.30
N MET B 245 -3.70 -12.35 2.31
CA MET B 245 -3.77 -10.88 2.26
CA MET B 245 -3.68 -10.90 2.33
C MET B 245 -2.90 -10.26 1.16
C MET B 245 -2.96 -10.35 1.10
N MET B 246 -1.81 -10.95 0.79
CA MET B 246 -1.00 -10.51 -0.35
C MET B 246 -1.73 -10.72 -1.67
N LYS B 247 -2.42 -11.86 -1.78
CA LYS B 247 -3.21 -12.14 -2.97
C LYS B 247 -4.34 -11.12 -3.09
N GLU B 248 -5.01 -10.86 -1.98
N GLU B 248 -5.03 -10.88 -1.98
CA GLU B 248 -6.13 -9.90 -1.92
CA GLU B 248 -6.12 -9.90 -1.94
C GLU B 248 -5.69 -8.48 -2.29
C GLU B 248 -5.65 -8.52 -2.36
N LYS B 249 -4.50 -8.10 -1.82
CA LYS B 249 -3.93 -6.78 -2.14
C LYS B 249 -3.84 -6.53 -3.65
N TRP B 250 -3.37 -7.54 -4.39
CA TRP B 250 -3.09 -7.39 -5.81
C TRP B 250 -4.22 -7.81 -6.75
N TRP B 251 -5.06 -8.75 -6.31
CA TRP B 251 -6.14 -9.28 -7.15
C TRP B 251 -7.48 -8.54 -7.04
N ARG B 252 -7.83 -8.11 -5.83
CA ARG B 252 -9.16 -7.54 -5.59
C ARG B 252 -9.37 -6.27 -6.43
N GLY B 253 -10.54 -6.18 -7.06
CA GLY B 253 -10.88 -5.05 -7.93
C GLY B 253 -11.75 -4.01 -7.26
N ASN B 254 -12.49 -3.27 -8.08
CA ASN B 254 -13.38 -2.21 -7.60
C ASN B 254 -14.74 -2.73 -7.13
#